data_8RSG
#
_entry.id   8RSG
#
_cell.length_a   68.500
_cell.length_b   68.500
_cell.length_c   108.750
_cell.angle_alpha   90.000
_cell.angle_beta   90.000
_cell.angle_gamma   90.000
#
_symmetry.space_group_name_H-M   'P 43 21 2'
#
loop_
_entity.id
_entity.type
_entity.pdbx_description
1 polymer 'Proteinase K'
2 non-polymer 'NITRATE ION'
3 non-polymer 'CALCIUM ION'
4 water water
#
_entity_poly.entity_id   1
_entity_poly.type   'polypeptide(L)'
_entity_poly.pdbx_seq_one_letter_code
;MRLSVLLSLLPLALGAPAVEQRSEAAPLIEARGEMVANKYIVKFKEGSALSALDAAMEKISGKPDHVYKNVFSGFAATLD
ENMVRVLRAHPDVEYIEQDAVVTINAAQTNAPWGLARISSTSPGTSTYYYDESAGQGSCVYVIDTGIEASHPEFEGRAQM
VKTYYYSSRDGNGHGTHCAGTVGSRTYGVAKKTQLFGVKVLDDNGSGQYSTIIAGMDFVASDKNNRNCPKGVVASLSLGG
GYSSSVNSAAARLQSSGVMVAVAAGNNNADARNYSPASEPSVCTVGASDRYDRRSSFSNYGSVLDIFGPGTDILSTWIGG
STRSISGTSMATPHVAGLAAYLMTLGKTTAASACRYIADTANKGDLSNIPFGTVNLLAYNNYQA
;
_entity_poly.pdbx_strand_id   A
#
# COMPACT_ATOMS: atom_id res chain seq x y z
N ALA A 106 20.13 9.10 2.38
CA ALA A 106 19.32 10.34 2.59
C ALA A 106 18.57 10.22 3.90
N ALA A 107 18.19 11.35 4.50
CA ALA A 107 17.49 11.29 5.77
C ALA A 107 16.47 12.42 5.75
N GLN A 108 15.24 12.11 6.10
CA GLN A 108 14.21 13.11 6.27
C GLN A 108 13.97 13.30 7.76
N THR A 109 14.30 14.51 8.29
CA THR A 109 14.07 14.71 9.71
C THR A 109 12.61 15.09 9.99
N ASN A 110 12.17 14.81 11.22
CA ASN A 110 10.80 15.08 11.68
C ASN A 110 9.81 14.48 10.69
N ALA A 111 10.07 13.22 10.34
CA ALA A 111 9.19 12.56 9.40
C ALA A 111 7.92 12.08 10.12
N PRO A 112 6.84 11.81 9.37
CA PRO A 112 5.71 11.08 9.97
C PRO A 112 6.19 9.76 10.58
N TRP A 113 5.56 9.38 11.68
CA TRP A 113 6.14 8.27 12.45
C TRP A 113 6.23 6.98 11.67
N GLY A 114 5.28 6.74 10.75
CA GLY A 114 5.29 5.48 10.01
C GLY A 114 6.49 5.36 9.08
N LEU A 115 6.89 6.48 8.44
CA LEU A 115 8.11 6.44 7.62
C LEU A 115 9.33 6.18 8.49
N ALA A 116 9.43 6.86 9.65
CA ALA A 116 10.55 6.57 10.54
C ALA A 116 10.56 5.10 10.97
N ARG A 117 9.38 4.53 11.23
CA ARG A 117 9.31 3.18 11.78
C ARG A 117 9.84 2.17 10.78
N ILE A 118 9.52 2.35 9.49
CA ILE A 118 9.96 1.39 8.48
C ILE A 118 11.45 1.47 8.20
N SER A 119 12.17 2.48 8.73
CA SER A 119 13.64 2.54 8.55
C SER A 119 14.40 2.37 9.86
N SER A 120 13.77 1.77 10.86
CA SER A 120 14.34 1.61 12.19
C SER A 120 14.11 0.22 12.75
N THR A 121 15.02 -0.24 13.62
CA THR A 121 14.72 -1.47 14.33
C THR A 121 14.05 -1.22 15.66
N SER A 122 13.75 0.02 16.01
CA SER A 122 13.04 0.28 17.27
C SER A 122 11.98 1.36 17.08
N PRO A 123 10.91 1.33 17.85
CA PRO A 123 9.92 2.40 17.77
C PRO A 123 10.43 3.66 18.44
N GLY A 124 9.76 4.77 18.14
CA GLY A 124 10.02 6.02 18.82
C GLY A 124 11.00 6.95 18.15
N THR A 125 11.49 6.62 16.97
CA THR A 125 12.41 7.51 16.25
C THR A 125 11.64 8.47 15.34
N SER A 126 12.32 9.51 14.87
CA SER A 126 11.62 10.51 14.06
C SER A 126 12.30 10.80 12.73
N THR A 127 13.35 10.07 12.34
CA THR A 127 14.03 10.31 11.08
C THR A 127 13.75 9.12 10.15
N TYR A 128 13.40 9.44 8.91
CA TYR A 128 13.27 8.40 7.87
C TYR A 128 14.56 8.34 7.06
N TYR A 129 15.26 7.19 7.12
CA TYR A 129 16.51 6.99 6.39
C TYR A 129 16.21 6.14 5.16
N TYR A 130 16.69 6.58 3.99
CA TYR A 130 16.37 5.87 2.75
C TYR A 130 17.42 6.16 1.67
N ASP A 131 17.57 5.25 0.73
CA ASP A 131 18.45 5.48 -0.40
C ASP A 131 17.86 6.52 -1.34
N GLU A 132 18.75 7.45 -1.81
CA GLU A 132 18.41 8.54 -2.72
C GLU A 132 17.67 8.10 -4.00
N SER A 133 17.82 6.82 -4.45
CA SER A 133 17.14 6.40 -5.69
C SER A 133 15.64 6.51 -5.54
N ALA A 134 15.15 6.25 -4.32
CA ALA A 134 13.77 6.61 -3.89
C ALA A 134 12.68 6.08 -4.82
N GLY A 135 12.86 4.87 -5.37
CA GLY A 135 11.82 4.38 -6.26
C GLY A 135 11.78 4.92 -7.68
N GLN A 136 12.80 5.68 -8.10
CA GLN A 136 12.80 6.20 -9.46
C GLN A 136 12.82 5.04 -10.46
N GLY A 137 11.99 5.16 -11.50
CA GLY A 137 11.94 4.10 -12.50
C GLY A 137 10.91 3.02 -12.25
N SER A 138 10.31 2.99 -11.06
CA SER A 138 9.16 2.12 -10.77
C SER A 138 7.83 2.88 -10.95
N CYS A 139 6.75 2.09 -11.01
CA CYS A 139 5.40 2.63 -11.20
C CYS A 139 4.49 2.00 -10.17
N VAL A 140 3.61 2.82 -9.56
CA VAL A 140 2.62 2.26 -8.59
C VAL A 140 1.25 2.70 -9.03
N TYR A 141 0.35 1.74 -9.23
CA TYR A 141 -1.05 2.03 -9.53
C TYR A 141 -1.80 2.07 -8.21
N VAL A 142 -2.55 3.14 -7.96
CA VAL A 142 -3.35 3.25 -6.73
C VAL A 142 -4.78 3.09 -7.17
N ILE A 143 -5.43 1.98 -6.78
CA ILE A 143 -6.74 1.61 -7.28
C ILE A 143 -7.73 1.95 -6.16
N ASP A 144 -8.49 3.06 -6.33
CA ASP A 144 -9.09 3.69 -5.13
C ASP A 144 -10.11 4.75 -5.59
N THR A 145 -10.30 5.83 -4.83
CA THR A 145 -11.28 6.89 -5.21
C THR A 145 -10.71 7.89 -6.20
N GLY A 146 -9.47 7.71 -6.66
CA GLY A 146 -8.81 8.69 -7.51
C GLY A 146 -7.63 9.32 -6.78
N ILE A 147 -6.94 10.22 -7.47
CA ILE A 147 -5.79 10.94 -6.93
C ILE A 147 -5.94 12.39 -7.37
N GLU A 148 -5.81 13.32 -6.43
CA GLU A 148 -5.70 14.75 -6.79
C GLU A 148 -4.28 15.01 -7.31
N ALA A 149 -4.14 14.81 -8.66
CA ALA A 149 -2.80 14.82 -9.25
C ALA A 149 -2.14 16.18 -9.18
N SER A 150 -2.92 17.25 -9.08
CA SER A 150 -2.36 18.59 -9.01
C SER A 150 -1.79 18.95 -7.65
N HIS A 151 -1.93 18.07 -6.61
CA HIS A 151 -1.42 18.42 -5.31
C HIS A 151 0.09 18.69 -5.42
N PRO A 152 0.60 19.80 -4.89
CA PRO A 152 2.04 20.10 -4.99
C PRO A 152 2.95 18.99 -4.49
N GLU A 153 2.49 18.17 -3.53
CA GLU A 153 3.31 17.11 -2.98
C GLU A 153 3.59 15.99 -3.95
N PHE A 154 2.88 15.92 -5.08
CA PHE A 154 3.21 14.86 -6.03
C PHE A 154 4.19 15.33 -7.10
N GLU A 155 4.45 16.65 -7.20
CA GLU A 155 5.56 17.17 -8.02
C GLU A 155 5.43 16.78 -9.49
N GLY A 156 4.20 16.62 -9.96
CA GLY A 156 3.97 16.26 -11.34
C GLY A 156 4.12 14.77 -11.64
N ARG A 157 4.37 13.95 -10.63
CA ARG A 157 4.64 12.51 -10.83
C ARG A 157 3.36 11.66 -10.74
N ALA A 158 2.21 12.27 -10.60
CA ALA A 158 0.94 11.52 -10.51
C ALA A 158 0.04 11.84 -11.70
N GLN A 159 -0.68 10.83 -12.17
CA GLN A 159 -1.61 11.05 -13.27
C GLN A 159 -2.76 10.07 -13.12
N MET A 160 -3.98 10.55 -13.38
CA MET A 160 -5.11 9.63 -13.54
C MET A 160 -5.08 8.98 -14.89
N VAL A 161 -5.29 7.67 -14.92
CA VAL A 161 -5.28 6.93 -16.18
C VAL A 161 -6.61 6.29 -16.48
N LYS A 162 -7.54 6.14 -15.52
CA LYS A 162 -8.82 5.50 -15.83
C LYS A 162 -9.81 5.83 -14.74
N THR A 163 -11.07 6.08 -15.13
CA THR A 163 -12.14 6.19 -14.16
C THR A 163 -13.34 5.36 -14.63
N TYR A 164 -14.11 4.87 -13.66
CA TYR A 164 -15.33 4.12 -13.92
C TYR A 164 -16.55 4.94 -13.56
N TYR A 165 -16.37 6.24 -13.29
CA TYR A 165 -17.49 7.11 -12.97
C TYR A 165 -17.46 8.35 -13.86
N TYR A 166 -18.25 9.36 -13.50
CA TYR A 166 -18.47 10.49 -14.42
C TYR A 166 -17.25 11.36 -14.56
N SER A 167 -16.40 11.40 -13.52
CA SER A 167 -15.21 12.22 -13.50
C SER A 167 -14.06 11.37 -12.99
N SER A 168 -12.85 11.83 -13.27
N SER A 168 -12.84 11.83 -13.28
CA SER A 168 -11.65 11.24 -12.70
CA SER A 168 -11.62 11.22 -12.74
C SER A 168 -11.21 11.96 -11.44
C SER A 168 -11.25 11.76 -11.38
N ARG A 169 -12.03 12.85 -10.88
N ARG A 169 -11.77 12.93 -11.01
CA ARG A 169 -11.64 13.62 -9.72
CA ARG A 169 -11.35 13.59 -9.78
C ARG A 169 -11.79 12.80 -8.44
C ARG A 169 -11.63 12.71 -8.57
N ASP A 170 -10.81 12.89 -7.54
CA ASP A 170 -11.03 12.33 -6.21
C ASP A 170 -11.89 13.32 -5.42
N GLY A 171 -13.17 12.98 -5.28
CA GLY A 171 -14.06 13.80 -4.48
C GLY A 171 -14.14 13.37 -3.04
N ASN A 172 -13.39 12.34 -2.66
CA ASN A 172 -13.45 11.77 -1.33
C ASN A 172 -12.25 12.12 -0.47
N GLY A 173 -11.03 11.85 -0.97
CA GLY A 173 -9.80 12.07 -0.23
C GLY A 173 -9.02 10.79 0.01
N HIS A 174 -9.72 9.66 0.18
CA HIS A 174 -9.05 8.40 0.55
C HIS A 174 -7.93 8.02 -0.43
N GLY A 175 -8.22 8.08 -1.74
CA GLY A 175 -7.22 7.68 -2.72
C GLY A 175 -6.03 8.63 -2.74
N THR A 176 -6.27 9.93 -2.55
CA THR A 176 -5.17 10.90 -2.47
C THR A 176 -4.29 10.68 -1.23
N HIS A 177 -4.90 10.28 -0.09
CA HIS A 177 -4.13 9.96 1.10
C HIS A 177 -3.25 8.74 0.88
N CYS A 178 -3.83 7.69 0.30
CA CYS A 178 -3.05 6.46 0.07
C CYS A 178 -1.91 6.74 -0.90
N ALA A 179 -2.20 7.43 -2.01
CA ALA A 179 -1.15 7.76 -2.98
C ALA A 179 -0.04 8.59 -2.32
N GLY A 180 -0.41 9.49 -1.40
CA GLY A 180 0.63 10.28 -0.73
C GLY A 180 1.56 9.41 0.12
N THR A 181 1.03 8.33 0.74
CA THR A 181 1.91 7.48 1.54
C THR A 181 2.82 6.66 0.63
N VAL A 182 2.33 6.31 -0.57
CA VAL A 182 3.22 5.63 -1.56
C VAL A 182 4.36 6.56 -1.98
N GLY A 183 4.02 7.80 -2.38
CA GLY A 183 4.99 8.52 -3.23
C GLY A 183 5.00 10.03 -3.15
N SER A 184 4.32 10.66 -2.21
CA SER A 184 4.47 12.12 -2.11
C SER A 184 5.85 12.48 -1.56
N ARG A 185 6.26 13.74 -1.80
CA ARG A 185 7.56 14.19 -1.34
C ARG A 185 7.72 14.12 0.17
N THR A 186 6.80 14.71 0.94
CA THR A 186 6.94 14.72 2.38
C THR A 186 6.41 13.49 3.07
N TYR A 187 5.36 12.88 2.54
CA TYR A 187 4.66 11.84 3.28
C TYR A 187 4.87 10.45 2.69
N GLY A 188 5.72 10.31 1.67
CA GLY A 188 5.77 9.07 0.89
C GLY A 188 6.99 8.22 1.21
N VAL A 189 6.81 6.92 1.00
CA VAL A 189 7.93 5.97 1.14
C VAL A 189 8.89 6.08 -0.03
N ALA A 190 8.36 6.09 -1.25
CA ALA A 190 9.14 6.02 -2.48
C ALA A 190 8.96 7.36 -3.18
N LYS A 191 9.86 8.32 -2.85
CA LYS A 191 9.60 9.74 -3.14
C LYS A 191 9.80 10.13 -4.60
N LYS A 192 10.36 9.22 -5.42
CA LYS A 192 10.54 9.49 -6.85
C LYS A 192 9.81 8.50 -7.76
N THR A 193 8.87 7.70 -7.22
CA THR A 193 8.12 6.79 -8.08
C THR A 193 7.08 7.54 -8.92
N GLN A 194 6.57 6.87 -9.95
N GLN A 194 6.61 6.89 -9.97
CA GLN A 194 5.49 7.41 -10.80
CA GLN A 194 5.50 7.40 -10.75
C GLN A 194 4.17 6.79 -10.36
C GLN A 194 4.21 6.81 -10.16
N LEU A 195 3.17 7.64 -10.08
CA LEU A 195 1.87 7.21 -9.55
C LEU A 195 0.81 7.27 -10.63
N PHE A 196 0.01 6.18 -10.78
CA PHE A 196 -1.09 6.14 -11.73
C PHE A 196 -2.38 5.88 -10.97
N GLY A 197 -3.39 6.71 -11.18
CA GLY A 197 -4.65 6.55 -10.44
C GLY A 197 -5.69 5.84 -11.27
N VAL A 198 -6.38 4.86 -10.65
CA VAL A 198 -7.51 4.17 -11.27
C VAL A 198 -8.71 4.33 -10.31
N LYS A 199 -9.74 5.07 -10.75
CA LYS A 199 -10.88 5.34 -9.85
C LYS A 199 -11.94 4.24 -9.99
N VAL A 200 -11.90 3.26 -9.08
CA VAL A 200 -12.91 2.22 -9.04
C VAL A 200 -13.91 2.46 -7.92
N LEU A 201 -13.64 3.40 -7.02
CA LEU A 201 -14.56 3.73 -5.92
C LEU A 201 -15.19 5.09 -6.16
N ASP A 202 -16.48 5.21 -5.83
CA ASP A 202 -17.12 6.50 -6.00
C ASP A 202 -16.71 7.47 -4.88
N ASP A 203 -17.27 8.69 -4.89
CA ASP A 203 -16.82 9.72 -3.95
C ASP A 203 -17.35 9.51 -2.55
N ASN A 204 -18.18 8.52 -2.35
CA ASN A 204 -18.51 8.10 -1.00
C ASN A 204 -17.63 6.96 -0.54
N GLY A 205 -16.68 6.51 -1.36
CA GLY A 205 -15.82 5.43 -0.96
C GLY A 205 -16.33 4.05 -1.28
N SER A 206 -17.40 3.92 -2.05
CA SER A 206 -18.04 2.63 -2.32
C SER A 206 -17.84 2.22 -3.77
N GLY A 207 -17.91 0.93 -4.02
CA GLY A 207 -17.91 0.46 -5.41
C GLY A 207 -18.35 -0.98 -5.51
N GLN A 208 -18.97 -1.35 -6.61
CA GLN A 208 -19.39 -2.73 -6.83
C GLN A 208 -18.22 -3.60 -7.20
N TYR A 209 -18.35 -4.88 -6.86
CA TYR A 209 -17.28 -5.82 -7.15
C TYR A 209 -16.97 -5.90 -8.65
N SER A 210 -17.97 -5.82 -9.54
CA SER A 210 -17.68 -5.92 -10.97
C SER A 210 -16.74 -4.80 -11.42
N THR A 211 -16.89 -3.60 -10.84
CA THR A 211 -16.06 -2.46 -11.21
C THR A 211 -14.65 -2.63 -10.66
N ILE A 212 -14.55 -3.14 -9.43
CA ILE A 212 -13.22 -3.35 -8.87
C ILE A 212 -12.45 -4.40 -9.67
N ILE A 213 -13.14 -5.48 -10.08
CA ILE A 213 -12.49 -6.49 -10.94
C ILE A 213 -12.06 -5.87 -12.25
N ALA A 214 -12.93 -5.07 -12.88
CA ALA A 214 -12.53 -4.45 -14.15
C ALA A 214 -11.29 -3.58 -14.00
N GLY A 215 -11.18 -2.86 -12.87
CA GLY A 215 -10.02 -2.01 -12.66
C GLY A 215 -8.74 -2.82 -12.48
N MET A 216 -8.80 -4.00 -11.86
CA MET A 216 -7.62 -4.88 -11.74
C MET A 216 -7.22 -5.38 -13.14
N ASP A 217 -8.19 -5.85 -13.92
CA ASP A 217 -7.82 -6.34 -15.25
C ASP A 217 -7.30 -5.20 -16.12
N PHE A 218 -7.82 -3.98 -15.93
CA PHE A 218 -7.28 -2.83 -16.66
C PHE A 218 -5.80 -2.63 -16.36
N VAL A 219 -5.39 -2.66 -15.07
CA VAL A 219 -3.97 -2.44 -14.73
C VAL A 219 -3.09 -3.50 -15.38
N ALA A 220 -3.55 -4.76 -15.38
CA ALA A 220 -2.71 -5.82 -15.96
C ALA A 220 -2.40 -5.57 -17.42
N SER A 221 -3.35 -4.99 -18.15
CA SER A 221 -3.09 -4.62 -19.54
C SER A 221 -2.35 -3.28 -19.67
N ASP A 222 -2.78 -2.25 -18.93
CA ASP A 222 -2.25 -0.92 -19.17
C ASP A 222 -0.75 -0.86 -18.88
N LYS A 223 -0.22 -1.69 -17.97
CA LYS A 223 1.20 -1.58 -17.62
C LYS A 223 2.07 -1.86 -18.83
N ASN A 224 1.52 -2.59 -19.82
CA ASN A 224 2.30 -2.89 -21.02
C ASN A 224 2.43 -1.65 -21.92
N ASN A 225 1.72 -0.55 -21.66
CA ASN A 225 1.82 0.70 -22.41
C ASN A 225 2.68 1.74 -21.70
N ARG A 226 3.30 1.39 -20.57
CA ARG A 226 3.96 2.40 -19.73
C ARG A 226 5.42 2.05 -19.61
N ASN A 227 6.22 3.08 -19.39
CA ASN A 227 7.65 2.89 -19.25
C ASN A 227 8.00 2.83 -17.73
N CYS A 228 8.14 1.61 -17.23
CA CYS A 228 8.36 1.32 -15.81
C CYS A 228 9.52 0.32 -15.70
N PRO A 229 10.73 0.76 -16.01
CA PRO A 229 11.83 -0.20 -16.18
C PRO A 229 12.20 -0.97 -14.92
N LYS A 230 11.93 -0.42 -13.74
CA LYS A 230 12.25 -1.09 -12.50
C LYS A 230 11.07 -1.90 -11.96
N GLY A 231 9.88 -1.83 -12.58
CA GLY A 231 8.80 -2.73 -12.19
C GLY A 231 7.54 -1.99 -11.80
N VAL A 232 6.49 -2.77 -11.54
CA VAL A 232 5.13 -2.25 -11.38
C VAL A 232 4.51 -2.83 -10.10
N VAL A 233 3.85 -1.95 -9.33
CA VAL A 233 3.17 -2.27 -8.07
C VAL A 233 1.72 -1.80 -8.20
N ALA A 234 0.81 -2.51 -7.52
CA ALA A 234 -0.59 -2.05 -7.40
C ALA A 234 -0.96 -2.07 -5.93
N SER A 235 -1.59 -1.00 -5.49
N SER A 235 -1.51 -0.97 -5.44
CA SER A 235 -1.94 -0.82 -4.07
CA SER A 235 -1.99 -0.91 -4.06
C SER A 235 -3.46 -0.78 -3.95
C SER A 235 -3.52 -0.86 -4.04
N LEU A 236 -4.06 -1.77 -3.23
N LEU A 236 -4.13 -1.69 -3.17
CA LEU A 236 -5.53 -1.88 -3.11
CA LEU A 236 -5.59 -1.86 -3.16
C LEU A 236 -5.94 -1.70 -1.66
C LEU A 236 -6.06 -1.73 -1.72
N SER A 237 -6.31 -0.49 -1.29
CA SER A 237 -6.78 -0.21 0.08
C SER A 237 -8.29 -0.27 0.08
N LEU A 238 -8.81 -1.49 -0.15
CA LEU A 238 -10.26 -1.68 -0.25
C LEU A 238 -10.57 -3.15 0.01
N GLY A 239 -11.85 -3.43 0.24
CA GLY A 239 -12.24 -4.83 0.33
C GLY A 239 -13.65 -4.92 0.84
N GLY A 240 -14.13 -6.13 0.87
CA GLY A 240 -15.45 -6.41 1.40
C GLY A 240 -15.55 -7.89 1.69
N GLY A 241 -16.78 -8.41 1.70
CA GLY A 241 -16.93 -9.83 2.08
C GLY A 241 -16.37 -10.75 1.01
N TYR A 242 -16.11 -12.00 1.41
CA TYR A 242 -15.46 -12.99 0.55
C TYR A 242 -16.16 -13.10 -0.79
N SER A 243 -15.35 -13.08 -1.86
CA SER A 243 -15.81 -13.31 -3.23
C SER A 243 -14.71 -14.03 -4.00
N SER A 244 -15.00 -15.24 -4.48
N SER A 244 -15.07 -15.15 -4.59
CA SER A 244 -13.95 -15.95 -5.16
CA SER A 244 -14.07 -15.88 -5.36
C SER A 244 -13.56 -15.23 -6.45
C SER A 244 -13.71 -15.12 -6.64
N SER A 245 -14.50 -14.49 -7.05
N SER A 245 -14.63 -14.37 -7.21
CA SER A 245 -14.19 -13.78 -8.30
CA SER A 245 -14.31 -13.63 -8.45
C SER A 245 -13.24 -12.62 -8.04
C SER A 245 -13.44 -12.40 -8.18
N VAL A 246 -13.46 -11.86 -6.95
CA VAL A 246 -12.56 -10.75 -6.63
C VAL A 246 -11.19 -11.32 -6.31
N ASN A 247 -11.14 -12.46 -5.60
CA ASN A 247 -9.83 -13.05 -5.32
C ASN A 247 -9.14 -13.46 -6.61
N SER A 248 -9.92 -13.98 -7.56
N SER A 248 -9.90 -14.03 -7.56
CA SER A 248 -9.32 -14.47 -8.79
CA SER A 248 -9.27 -14.47 -8.79
C SER A 248 -8.77 -13.31 -9.60
C SER A 248 -8.73 -13.28 -9.58
N ALA A 249 -9.44 -12.15 -9.56
CA ALA A 249 -8.91 -10.99 -10.24
C ALA A 249 -7.61 -10.50 -9.63
N ALA A 250 -7.47 -10.57 -8.29
CA ALA A 250 -6.21 -10.15 -7.70
C ALA A 250 -5.09 -11.12 -8.06
N ALA A 251 -5.38 -12.43 -8.04
CA ALA A 251 -4.41 -13.44 -8.45
C ALA A 251 -3.95 -13.24 -9.90
N ARG A 252 -4.89 -12.88 -10.80
CA ARG A 252 -4.52 -12.61 -12.19
C ARG A 252 -3.58 -11.43 -12.27
N LEU A 253 -3.90 -10.34 -11.54
CA LEU A 253 -3.02 -9.17 -11.59
C LEU A 253 -1.61 -9.49 -11.12
N GLN A 254 -1.49 -10.26 -10.06
CA GLN A 254 -0.19 -10.68 -9.55
C GLN A 254 0.54 -11.56 -10.57
N SER A 255 -0.18 -12.51 -11.16
N SER A 255 -0.15 -12.53 -11.15
CA SER A 255 0.40 -13.41 -12.16
CA SER A 255 0.56 -13.38 -12.10
C SER A 255 0.92 -12.65 -13.38
C SER A 255 0.95 -12.64 -13.38
N SER A 256 0.27 -11.53 -13.73
CA SER A 256 0.66 -10.74 -14.91
C SER A 256 2.00 -10.03 -14.74
N GLY A 257 2.55 -10.00 -13.54
CA GLY A 257 3.85 -9.42 -13.25
C GLY A 257 3.80 -8.12 -12.43
N VAL A 258 2.74 -7.92 -11.66
CA VAL A 258 2.56 -6.70 -10.85
C VAL A 258 2.61 -7.16 -9.40
N MET A 259 3.33 -6.42 -8.54
CA MET A 259 3.33 -6.67 -7.12
C MET A 259 2.03 -6.16 -6.56
N VAL A 260 1.13 -7.03 -6.07
CA VAL A 260 -0.17 -6.59 -5.56
C VAL A 260 -0.11 -6.57 -4.04
N ALA A 261 -0.40 -5.39 -3.45
CA ALA A 261 -0.53 -5.27 -1.99
C ALA A 261 -1.98 -4.92 -1.67
N VAL A 262 -2.59 -5.65 -0.72
N VAL A 262 -2.54 -5.57 -0.66
CA VAL A 262 -4.01 -5.40 -0.41
CA VAL A 262 -3.97 -5.44 -0.38
C VAL A 262 -4.19 -5.24 1.10
C VAL A 262 -4.16 -5.19 1.11
N ALA A 263 -5.21 -4.44 1.47
CA ALA A 263 -5.49 -4.24 2.90
C ALA A 263 -6.13 -5.45 3.54
N ALA A 264 -5.71 -5.75 4.81
CA ALA A 264 -6.34 -6.91 5.46
C ALA A 264 -7.80 -6.67 5.86
N GLY A 265 -8.20 -5.41 6.11
CA GLY A 265 -9.53 -5.05 6.56
C GLY A 265 -9.53 -4.64 8.02
N ASN A 266 -10.65 -3.95 8.42
CA ASN A 266 -10.70 -3.20 9.69
C ASN A 266 -11.77 -3.73 10.62
N ASN A 267 -11.99 -5.05 10.64
CA ASN A 267 -13.10 -5.64 11.43
C ASN A 267 -12.64 -6.37 12.69
N ASN A 268 -11.34 -6.28 13.02
CA ASN A 268 -10.76 -7.04 14.14
C ASN A 268 -11.18 -8.51 14.08
N ALA A 269 -11.07 -9.07 12.87
CA ALA A 269 -11.54 -10.43 12.64
C ALA A 269 -10.53 -11.16 11.76
N ASP A 270 -10.79 -12.44 11.51
CA ASP A 270 -9.93 -13.21 10.62
C ASP A 270 -10.17 -12.80 9.18
N ALA A 271 -9.08 -12.39 8.53
CA ALA A 271 -9.15 -11.90 7.17
C ALA A 271 -9.55 -12.95 6.15
N ARG A 272 -9.66 -14.25 6.54
CA ARG A 272 -10.09 -15.29 5.59
C ARG A 272 -11.48 -15.04 5.06
N ASN A 273 -12.29 -14.19 5.71
CA ASN A 273 -13.65 -13.97 5.27
C ASN A 273 -13.83 -12.70 4.47
N TYR A 274 -12.72 -12.12 3.98
CA TYR A 274 -12.78 -10.85 3.26
C TYR A 274 -11.97 -10.94 1.98
N SER A 275 -12.34 -10.14 0.99
CA SER A 275 -11.66 -10.15 -0.30
C SER A 275 -11.32 -8.73 -0.74
N PRO A 276 -10.20 -8.54 -1.43
CA PRO A 276 -9.23 -9.57 -1.84
C PRO A 276 -8.22 -9.98 -0.78
N ALA A 277 -8.39 -9.52 0.46
CA ALA A 277 -7.49 -9.89 1.55
C ALA A 277 -7.18 -11.39 1.60
N SER A 278 -8.19 -12.24 1.35
CA SER A 278 -8.02 -13.67 1.55
C SER A 278 -7.36 -14.40 0.39
N GLU A 279 -6.99 -13.71 -0.70
CA GLU A 279 -6.32 -14.36 -1.81
C GLU A 279 -4.86 -14.66 -1.43
N PRO A 280 -4.43 -15.92 -1.38
CA PRO A 280 -3.10 -16.18 -0.79
C PRO A 280 -1.96 -15.58 -1.59
N SER A 281 -2.10 -15.48 -2.93
CA SER A 281 -0.94 -15.14 -3.77
C SER A 281 -0.57 -13.69 -3.79
N VAL A 282 -1.39 -12.82 -3.18
CA VAL A 282 -1.02 -11.40 -3.13
C VAL A 282 -0.43 -11.11 -1.75
N CYS A 283 -0.11 -9.84 -1.47
CA CYS A 283 0.53 -9.49 -0.21
C CYS A 283 -0.49 -8.80 0.67
N THR A 284 -0.94 -9.47 1.72
CA THR A 284 -2.02 -8.97 2.56
C THR A 284 -1.43 -8.29 3.79
N VAL A 285 -1.84 -7.04 4.03
CA VAL A 285 -1.15 -6.12 4.95
C VAL A 285 -2.04 -5.76 6.12
N GLY A 286 -1.56 -6.08 7.36
CA GLY A 286 -2.24 -5.61 8.58
C GLY A 286 -1.67 -4.27 9.06
N ALA A 287 -2.28 -3.70 10.09
CA ALA A 287 -1.88 -2.37 10.59
C ALA A 287 -1.31 -2.44 12.01
N SER A 288 -0.30 -1.58 12.25
CA SER A 288 0.22 -1.39 13.61
C SER A 288 0.16 0.08 14.02
N ASP A 289 0.36 0.34 15.30
CA ASP A 289 0.39 1.72 15.80
C ASP A 289 1.80 2.10 16.27
N ARG A 290 1.96 3.36 16.73
CA ARG A 290 3.30 3.86 16.96
C ARG A 290 3.97 3.29 18.21
N TYR A 291 3.27 2.52 19.00
CA TYR A 291 3.84 1.78 20.13
C TYR A 291 4.07 0.30 19.83
N ASP A 292 4.02 -0.07 18.54
CA ASP A 292 4.23 -1.43 18.09
C ASP A 292 3.16 -2.39 18.62
N ARG A 293 1.92 -1.91 18.77
CA ARG A 293 0.78 -2.79 18.98
C ARG A 293 0.07 -3.03 17.66
N ARG A 294 -0.48 -4.25 17.47
CA ARG A 294 -1.48 -4.39 16.41
C ARG A 294 -2.55 -3.31 16.58
N SER A 295 -2.87 -2.61 15.50
CA SER A 295 -3.95 -1.64 15.57
C SER A 295 -5.24 -2.29 16.00
N SER A 296 -6.00 -1.58 16.85
CA SER A 296 -7.12 -2.28 17.48
C SER A 296 -8.19 -2.77 16.51
N PHE A 297 -8.29 -2.14 15.32
CA PHE A 297 -9.23 -2.53 14.28
C PHE A 297 -8.66 -3.53 13.30
N SER A 298 -7.35 -3.83 13.36
CA SER A 298 -6.75 -4.58 12.24
C SER A 298 -7.26 -6.03 12.20
N ASN A 299 -7.66 -6.50 11.03
CA ASN A 299 -7.83 -7.95 10.87
C ASN A 299 -6.52 -8.70 11.07
N TYR A 300 -6.64 -10.01 11.26
CA TYR A 300 -5.48 -10.85 11.55
C TYR A 300 -5.71 -12.21 10.88
N GLY A 301 -4.88 -13.19 11.19
CA GLY A 301 -5.09 -14.52 10.66
C GLY A 301 -3.91 -15.02 9.82
N SER A 302 -3.99 -16.30 9.45
CA SER A 302 -2.87 -16.92 8.74
C SER A 302 -2.61 -16.34 7.34
N VAL A 303 -3.61 -15.69 6.73
N VAL A 303 -3.60 -15.66 6.75
CA VAL A 303 -3.37 -15.17 5.38
CA VAL A 303 -3.45 -15.10 5.39
C VAL A 303 -2.52 -13.90 5.40
C VAL A 303 -2.77 -13.73 5.38
N LEU A 304 -2.44 -13.18 6.55
CA LEU A 304 -1.65 -11.96 6.57
C LEU A 304 -0.21 -12.30 6.24
N ASP A 305 0.43 -11.41 5.47
CA ASP A 305 1.84 -11.60 5.13
C ASP A 305 2.76 -10.70 5.94
N ILE A 306 2.27 -9.53 6.36
CA ILE A 306 3.15 -8.47 6.86
C ILE A 306 2.31 -7.40 7.52
N PHE A 307 2.88 -6.68 8.49
CA PHE A 307 2.22 -5.50 9.06
C PHE A 307 2.97 -4.24 8.65
N GLY A 308 2.24 -3.13 8.56
CA GLY A 308 2.86 -1.84 8.37
C GLY A 308 2.12 -0.79 9.20
N PRO A 309 2.67 0.41 9.30
CA PRO A 309 2.04 1.44 10.13
C PRO A 309 0.67 1.84 9.60
N GLY A 310 -0.33 1.82 10.51
CA GLY A 310 -1.71 2.10 10.06
C GLY A 310 -2.53 3.00 10.96
N THR A 311 -2.07 3.33 12.18
CA THR A 311 -2.85 4.22 13.06
C THR A 311 -2.25 5.63 13.07
N ASP A 312 -3.08 6.64 12.80
N ASP A 312 -3.09 6.64 12.82
CA ASP A 312 -2.71 8.04 12.89
CA ASP A 312 -2.67 8.04 12.91
C ASP A 312 -1.61 8.39 11.89
C ASP A 312 -1.57 8.33 11.88
N ILE A 313 -1.92 8.16 10.60
CA ILE A 313 -0.99 8.32 9.50
C ILE A 313 -1.26 9.64 8.76
N LEU A 314 -0.26 10.55 8.78
CA LEU A 314 -0.39 11.87 8.12
C LEU A 314 -0.03 11.70 6.65
N SER A 315 -0.88 12.24 5.77
CA SER A 315 -0.58 12.18 4.33
C SER A 315 -1.35 13.32 3.65
N THR A 316 -1.28 13.33 2.30
CA THR A 316 -2.01 14.29 1.48
C THR A 316 -3.51 14.05 1.50
N TRP A 317 -4.25 15.15 1.26
CA TRP A 317 -5.71 15.12 1.19
C TRP A 317 -6.15 16.09 0.10
N ILE A 318 -7.42 15.97 -0.30
CA ILE A 318 -7.93 16.80 -1.40
C ILE A 318 -8.03 18.28 -0.96
N GLY A 319 -8.13 19.14 -1.97
CA GLY A 319 -8.02 20.57 -1.69
C GLY A 319 -6.62 21.04 -1.36
N GLY A 320 -5.59 20.30 -1.80
CA GLY A 320 -4.22 20.69 -1.53
C GLY A 320 -3.87 20.65 -0.06
N SER A 321 -4.53 19.79 0.72
N SER A 321 -4.51 19.78 0.71
CA SER A 321 -4.40 19.79 2.16
CA SER A 321 -4.39 19.78 2.16
C SER A 321 -3.65 18.53 2.66
C SER A 321 -3.74 18.48 2.66
N THR A 322 -3.68 18.33 3.98
CA THR A 322 -3.14 17.12 4.62
C THR A 322 -4.08 16.72 5.74
N ARG A 323 -4.07 15.44 6.10
CA ARG A 323 -4.76 15.04 7.31
C ARG A 323 -4.29 13.66 7.75
N SER A 324 -4.58 13.36 9.01
N SER A 324 -4.63 13.34 8.99
CA SER A 324 -4.16 12.09 9.64
CA SER A 324 -4.31 12.04 9.57
C SER A 324 -5.38 11.21 9.84
C SER A 324 -5.57 11.18 9.60
N ILE A 325 -5.35 9.99 9.30
N ILE A 325 -5.39 9.91 9.20
CA ILE A 325 -6.44 9.04 9.47
CA ILE A 325 -6.47 8.93 9.21
C ILE A 325 -5.83 7.66 9.72
C ILE A 325 -5.85 7.59 9.55
N SER A 326 -6.70 6.66 9.98
CA SER A 326 -6.26 5.35 10.43
C SER A 326 -6.98 4.24 9.65
N GLY A 327 -6.27 3.16 9.41
CA GLY A 327 -6.88 2.00 8.75
C GLY A 327 -5.82 1.06 8.23
N THR A 328 -6.25 -0.19 7.90
CA THR A 328 -5.34 -1.03 7.11
C THR A 328 -5.17 -0.44 5.72
N SER A 329 -6.06 0.48 5.31
CA SER A 329 -5.88 1.21 4.07
C SER A 329 -4.62 2.05 4.10
N MET A 330 -4.19 2.48 5.28
CA MET A 330 -2.97 3.28 5.42
C MET A 330 -1.71 2.45 5.53
N ALA A 331 -1.83 1.22 6.02
CA ALA A 331 -0.68 0.35 6.11
C ALA A 331 -0.30 -0.16 4.72
N THR A 332 -1.31 -0.48 3.89
CA THR A 332 -1.04 -1.08 2.57
C THR A 332 -0.11 -0.21 1.71
N PRO A 333 -0.29 1.11 1.60
CA PRO A 333 0.63 1.89 0.76
C PRO A 333 2.04 2.01 1.31
N HIS A 334 2.23 1.81 2.62
CA HIS A 334 3.61 1.75 3.11
C HIS A 334 4.31 0.56 2.48
N VAL A 335 3.59 -0.60 2.40
CA VAL A 335 4.19 -1.81 1.86
C VAL A 335 4.33 -1.71 0.35
N ALA A 336 3.32 -1.12 -0.34
CA ALA A 336 3.44 -0.92 -1.80
C ALA A 336 4.60 0.00 -2.15
N GLY A 337 4.75 1.09 -1.41
CA GLY A 337 5.89 1.98 -1.63
C GLY A 337 7.21 1.29 -1.32
N LEU A 338 7.28 0.52 -0.22
CA LEU A 338 8.53 -0.19 0.08
C LEU A 338 8.88 -1.17 -1.04
N ALA A 339 7.87 -1.86 -1.59
CA ALA A 339 8.18 -2.75 -2.71
C ALA A 339 8.78 -1.98 -3.89
N ALA A 340 8.16 -0.86 -4.29
CA ALA A 340 8.71 -0.06 -5.39
C ALA A 340 10.15 0.36 -5.11
N TYR A 341 10.40 0.80 -3.88
CA TYR A 341 11.74 1.21 -3.44
C TYR A 341 12.74 0.06 -3.57
N LEU A 342 12.34 -1.14 -3.13
CA LEU A 342 13.28 -2.26 -3.19
C LEU A 342 13.46 -2.77 -4.63
N MET A 343 12.43 -2.71 -5.47
N MET A 343 12.43 -2.72 -5.45
CA MET A 343 12.58 -3.11 -6.88
CA MET A 343 12.60 -3.11 -6.85
C MET A 343 13.51 -2.17 -7.64
C MET A 343 13.59 -2.20 -7.55
N THR A 344 13.46 -0.87 -7.35
CA THR A 344 14.39 0.07 -7.95
C THR A 344 15.85 -0.21 -7.53
N LEU A 345 16.07 -0.64 -6.29
CA LEU A 345 17.40 -1.02 -5.81
C LEU A 345 17.87 -2.35 -6.35
N GLY A 346 16.98 -3.08 -7.02
CA GLY A 346 17.35 -4.39 -7.57
C GLY A 346 17.37 -5.55 -6.60
N LYS A 347 16.80 -5.40 -5.42
CA LYS A 347 16.91 -6.41 -4.39
C LYS A 347 15.90 -7.50 -4.61
N THR A 348 14.83 -7.21 -5.35
CA THR A 348 13.76 -8.19 -5.52
C THR A 348 12.99 -7.84 -6.78
N THR A 349 12.03 -8.70 -7.13
CA THR A 349 11.20 -8.54 -8.33
C THR A 349 9.75 -8.53 -7.89
N ALA A 350 8.85 -8.22 -8.83
CA ALA A 350 7.41 -8.19 -8.48
C ALA A 350 6.93 -9.54 -7.98
N ALA A 351 7.43 -10.64 -8.55
CA ALA A 351 6.95 -11.95 -8.14
C ALA A 351 7.35 -12.32 -6.74
N SER A 352 8.48 -11.82 -6.24
N SER A 352 8.51 -11.84 -6.26
CA SER A 352 9.00 -12.28 -4.97
CA SER A 352 9.04 -12.27 -4.97
C SER A 352 9.11 -11.17 -3.94
C SER A 352 8.97 -11.20 -3.89
N ALA A 353 8.58 -9.98 -4.21
CA ALA A 353 8.78 -8.87 -3.27
C ALA A 353 8.09 -9.10 -1.93
N CYS A 354 6.88 -9.69 -1.93
CA CYS A 354 6.20 -9.87 -0.66
C CYS A 354 7.00 -10.79 0.25
N ARG A 355 7.50 -11.89 -0.32
N ARG A 355 7.51 -11.89 -0.34
CA ARG A 355 8.34 -12.82 0.43
CA ARG A 355 8.35 -12.83 0.39
C ARG A 355 9.64 -12.15 0.88
C ARG A 355 9.65 -12.18 0.86
N TYR A 356 10.27 -11.35 0.02
CA TYR A 356 11.49 -10.64 0.41
C TYR A 356 11.21 -9.68 1.57
N ILE A 357 10.10 -8.92 1.49
CA ILE A 357 9.73 -8.02 2.58
C ILE A 357 9.54 -8.79 3.89
N ALA A 358 8.85 -9.97 3.84
CA ALA A 358 8.65 -10.80 5.03
C ALA A 358 9.99 -11.32 5.56
N ASP A 359 10.89 -11.75 4.65
CA ASP A 359 12.16 -12.35 5.07
C ASP A 359 13.05 -11.34 5.78
N THR A 360 12.95 -10.06 5.37
CA THR A 360 13.84 -9.00 5.87
C THR A 360 13.15 -8.10 6.90
N ALA A 361 11.93 -8.45 7.32
CA ALA A 361 11.14 -7.66 8.27
C ALA A 361 11.78 -7.63 9.66
N ASN A 362 11.35 -6.66 10.46
CA ASN A 362 11.58 -6.77 11.91
C ASN A 362 10.68 -7.85 12.48
N LYS A 363 11.26 -8.83 13.21
CA LYS A 363 10.49 -10.02 13.62
C LYS A 363 10.29 -10.01 15.14
N GLY A 364 9.06 -10.28 15.57
CA GLY A 364 8.72 -10.46 16.98
C GLY A 364 8.57 -9.20 17.79
N ASP A 365 8.57 -8.03 17.17
CA ASP A 365 8.48 -6.76 17.89
C ASP A 365 7.05 -6.30 18.19
N LEU A 366 6.01 -6.86 17.56
CA LEU A 366 4.67 -6.36 17.75
C LEU A 366 3.98 -7.06 18.92
N SER A 367 3.15 -6.32 19.64
N SER A 367 3.08 -6.32 19.58
CA SER A 367 2.33 -6.92 20.69
CA SER A 367 2.21 -6.82 20.63
C SER A 367 0.91 -7.04 20.21
C SER A 367 0.78 -6.99 20.14
N ASN A 368 0.12 -7.88 20.91
N ASN A 368 -0.01 -7.74 20.93
CA ASN A 368 -1.31 -8.11 20.67
CA ASN A 368 -1.40 -8.12 20.62
C ASN A 368 -1.57 -8.85 19.33
C ASN A 368 -1.51 -8.75 19.23
N ILE A 369 -0.64 -9.71 18.95
CA ILE A 369 -0.72 -10.53 17.75
C ILE A 369 -1.26 -11.90 18.15
N PRO A 370 -2.43 -12.33 17.66
CA PRO A 370 -2.99 -13.65 18.03
C PRO A 370 -2.13 -14.77 17.52
N PHE A 371 -2.08 -15.87 18.28
N PHE A 371 -2.19 -15.89 18.24
CA PHE A 371 -1.32 -17.03 17.83
CA PHE A 371 -1.47 -17.10 17.81
C PHE A 371 -1.80 -17.47 16.44
C PHE A 371 -1.86 -17.46 16.39
N GLY A 372 -0.85 -17.72 15.54
CA GLY A 372 -1.15 -18.11 14.17
C GLY A 372 -1.05 -16.98 13.16
N THR A 373 -0.91 -15.76 13.63
CA THR A 373 -0.64 -14.61 12.75
C THR A 373 0.84 -14.24 12.80
N VAL A 374 1.41 -13.87 11.65
CA VAL A 374 2.82 -13.50 11.62
C VAL A 374 3.09 -12.27 12.49
N ASN A 375 4.28 -12.25 13.09
CA ASN A 375 4.71 -11.08 13.84
C ASN A 375 5.87 -10.48 13.07
N LEU A 376 5.55 -9.74 11.98
CA LEU A 376 6.53 -9.22 11.05
C LEU A 376 6.13 -7.79 10.70
N LEU A 377 7.08 -6.86 10.80
CA LEU A 377 6.84 -5.43 10.55
C LEU A 377 7.77 -4.99 9.44
N ALA A 378 7.21 -4.38 8.39
CA ALA A 378 7.97 -3.99 7.21
C ALA A 378 9.16 -3.11 7.59
N TYR A 379 10.31 -3.33 6.93
CA TYR A 379 11.59 -2.71 7.32
C TYR A 379 12.47 -2.59 6.08
N ASN A 380 13.10 -1.43 5.87
CA ASN A 380 13.83 -1.22 4.62
C ASN A 380 15.31 -1.58 4.70
N ASN A 381 15.81 -1.89 5.90
N ASN A 381 15.80 -1.98 5.86
CA ASN A 381 17.17 -2.39 6.14
CA ASN A 381 17.20 -2.41 5.97
C ASN A 381 18.27 -1.41 5.73
C ASN A 381 18.18 -1.41 5.36
N TYR A 382 17.94 -0.12 5.61
CA TYR A 382 18.88 0.85 5.08
C TYR A 382 20.11 0.98 5.96
N GLN A 383 21.26 0.96 5.31
N GLN A 383 21.27 1.00 5.31
CA GLN A 383 22.55 1.17 5.97
CA GLN A 383 22.55 1.14 5.97
C GLN A 383 23.28 2.25 5.20
C GLN A 383 23.31 2.23 5.22
N ALA A 384 23.56 3.36 5.87
CA ALA A 384 24.29 4.47 5.23
C ALA A 384 25.71 4.02 4.84
#